data_7Q8H
#
_entry.id   7Q8H
#
_cell.length_a   93.75
_cell.length_b   93.75
_cell.length_c   124.29
_cell.angle_alpha   90.00
_cell.angle_beta   90.00
_cell.angle_gamma   90.00
#
_symmetry.space_group_name_H-M   'P 43 21 2'
#
loop_
_entity.id
_entity.type
_entity.pdbx_description
1 polymer 'Cathepsin L2'
2 polymer 'EVCKKKK Peptide'
3 non-polymer (4S)-2-METHYL-2,4-PENTANEDIOL
4 non-polymer 'CHLORIDE ION'
5 non-polymer GLYCEROL
6 non-polymer 'trifluoroacetic acid'
7 water water
#
loop_
_entity_poly.entity_id
_entity_poly.type
_entity_poly.pdbx_seq_one_letter_code
_entity_poly.pdbx_strand_id
1 'polypeptide(L)'
;LPKSVDWRKKGYVTPVKNQKQCGSAWAFSATGALEGQMFRKTGKLVSLSEQNLVDCSRPQGNQGCNGGFMARAFQYVKEN
GGLDSEESYPYVAVDEICKYRPENSVAQDTGFTVVAPGKEKALMKAVATVGPISVAMDAGHSSFQFYKSGIYFEPDCSSK
NLDHGVLVVGYGFEGANSQNSKYWLVKNSWGPEWGSNGYVKIAKDKNNHCGIATAASYPNV
;
AA,BA
2 'polypeptide(L)' (ACE)EVCKKKK(NH2) PA,PB
#
# COMPACT_ATOMS: atom_id res chain seq x y z
N LEU A 1 3.36 12.38 20.58
CA LEU A 1 3.23 11.83 19.23
C LEU A 1 2.46 10.52 19.23
N PRO A 2 1.81 10.19 18.12
CA PRO A 2 1.06 8.94 17.98
C PRO A 2 1.97 7.73 18.12
N LYS A 3 1.40 6.62 18.64
CA LYS A 3 2.08 5.36 18.75
C LYS A 3 2.46 4.77 17.38
N SER A 4 1.65 5.07 16.35
CA SER A 4 1.90 4.59 15.00
C SER A 4 1.29 5.57 14.05
N VAL A 5 1.86 5.61 12.86
CA VAL A 5 1.39 6.49 11.78
C VAL A 5 1.51 5.73 10.47
N ASP A 6 0.49 5.82 9.56
CA ASP A 6 0.66 5.20 8.27
C ASP A 6 -0.03 6.11 7.28
N TRP A 7 0.74 6.99 6.61
CA TRP A 7 0.08 7.90 5.68
C TRP A 7 -0.52 7.22 4.47
N ARG A 8 -0.15 6.00 4.21
CA ARG A 8 -0.77 5.28 3.05
C ARG A 8 -2.25 5.13 3.30
N LYS A 9 -2.63 5.04 4.58
CA LYS A 9 -4.04 4.79 4.92
C LYS A 9 -4.89 6.04 4.86
N LYS A 10 -4.22 7.19 4.60
CA LYS A 10 -4.91 8.49 4.55
C LYS A 10 -4.95 9.10 3.16
N GLY A 11 -4.40 8.37 2.15
CA GLY A 11 -4.47 8.80 0.76
C GLY A 11 -3.31 9.63 0.25
N TYR A 12 -2.27 9.76 1.06
CA TYR A 12 -1.07 10.57 0.78
C TYR A 12 -0.03 9.93 -0.11
N VAL A 13 -0.17 8.61 -0.39
CA VAL A 13 0.92 7.89 -1.04
C VAL A 13 0.50 7.19 -2.32
N THR A 14 1.27 7.41 -3.43
CA THR A 14 0.99 6.74 -4.69
C THR A 14 1.46 5.29 -4.67
N PRO A 15 0.99 4.48 -5.62
CA PRO A 15 1.43 3.08 -5.68
C PRO A 15 2.96 3.04 -5.89
N VAL A 16 3.55 1.91 -5.55
CA VAL A 16 5.02 1.75 -5.66
C VAL A 16 5.48 1.81 -7.11
N LYS A 17 6.57 2.54 -7.34
CA LYS A 17 7.13 2.73 -8.70
C LYS A 17 8.42 1.93 -8.83
N ASN A 18 9.03 1.96 -10.03
CA ASN A 18 10.24 1.15 -10.25
C ASN A 18 11.26 1.95 -11.00
N GLN A 19 12.36 2.27 -10.33
CA GLN A 19 13.40 3.06 -10.94
C GLN A 19 14.19 2.27 -12.01
N LYS A 20 14.04 0.96 -12.01
N LYS A 20 14.07 0.98 -11.99
CA LYS A 20 14.77 0.09 -12.96
CA LYS A 20 14.79 0.13 -12.93
C LYS A 20 16.30 0.34 -12.88
N GLN A 21 16.98 0.24 -14.03
CA GLN A 21 18.45 0.37 -14.02
CA GLN A 21 18.49 0.26 -13.95
C GLN A 21 18.94 1.78 -14.24
C GLN A 21 19.19 1.61 -13.76
N CYS A 22 18.50 2.64 -13.36
CA CYS A 22 18.87 4.07 -13.36
C CYS A 22 19.03 4.45 -11.88
N GLY A 23 20.13 5.12 -11.52
CA GLY A 23 20.37 5.49 -10.11
C GLY A 23 19.56 6.72 -9.74
N SER A 24 18.22 6.59 -9.84
CA SER A 24 17.31 7.73 -9.63
C SER A 24 16.49 7.65 -8.34
N ALA A 25 16.92 6.85 -7.39
CA ALA A 25 16.08 6.71 -6.18
C ALA A 25 15.85 8.06 -5.52
N TRP A 26 16.89 8.95 -5.57
CA TRP A 26 16.73 10.30 -4.99
C TRP A 26 15.51 11.02 -5.60
N ALA A 27 15.28 10.79 -6.91
CA ALA A 27 14.14 11.41 -7.61
C ALA A 27 12.80 10.81 -7.13
N PHE A 28 12.75 9.43 -6.94
CA PHE A 28 11.53 8.79 -6.45
C PHE A 28 11.22 9.23 -5.02
N SER A 29 12.27 9.37 -4.20
CA SER A 29 12.07 9.82 -2.82
C SER A 29 11.51 11.23 -2.80
N ALA A 30 12.08 12.10 -3.65
CA ALA A 30 11.58 13.49 -3.71
C ALA A 30 10.17 13.57 -4.24
N THR A 31 9.84 12.82 -5.35
CA THR A 31 8.45 12.95 -5.81
C THR A 31 7.51 12.38 -4.78
N GLY A 32 7.95 11.33 -4.03
CA GLY A 32 7.06 10.74 -3.01
C GLY A 32 6.71 11.76 -1.91
N ALA A 33 7.73 12.51 -1.50
CA ALA A 33 7.48 13.51 -0.46
C ALA A 33 6.62 14.65 -1.01
N LEU A 34 6.86 15.07 -2.26
CA LEU A 34 6.05 16.19 -2.78
C LEU A 34 4.64 15.69 -3.03
N GLU A 35 4.49 14.40 -3.43
CA GLU A 35 3.14 13.90 -3.60
C GLU A 35 2.35 14.01 -2.29
N GLY A 36 3.00 13.69 -1.17
CA GLY A 36 2.29 13.73 0.10
C GLY A 36 1.95 15.17 0.48
N GLN A 37 2.89 16.08 0.32
CA GLN A 37 2.61 17.49 0.65
C GLN A 37 1.59 18.11 -0.31
N MET A 38 1.62 17.77 -1.61
CA MET A 38 0.55 18.35 -2.43
C MET A 38 -0.81 17.83 -2.03
N PHE A 39 -0.86 16.53 -1.58
CA PHE A 39 -2.13 15.95 -1.15
C PHE A 39 -2.63 16.68 0.08
N ARG A 40 -1.71 16.96 1.00
CA ARG A 40 -2.10 17.64 2.22
C ARG A 40 -2.67 19.03 1.91
N LYS A 41 -2.11 19.68 0.88
CA LYS A 41 -2.50 21.03 0.46
C LYS A 41 -3.79 21.07 -0.32
N THR A 42 -4.00 20.07 -1.18
CA THR A 42 -5.16 20.15 -2.06
C THR A 42 -6.18 19.05 -1.96
N GLY A 43 -5.85 17.94 -1.28
CA GLY A 43 -6.81 16.83 -1.27
C GLY A 43 -6.75 16.00 -2.54
N LYS A 44 -5.77 16.29 -3.41
CA LYS A 44 -5.68 15.56 -4.67
C LYS A 44 -4.35 14.83 -4.73
N LEU A 45 -4.42 13.53 -5.02
CA LEU A 45 -3.20 12.74 -5.12
C LEU A 45 -2.83 12.64 -6.58
N VAL A 46 -1.69 13.25 -6.98
CA VAL A 46 -1.30 13.21 -8.37
C VAL A 46 0.12 12.69 -8.46
N SER A 47 0.34 11.62 -9.22
CA SER A 47 1.70 11.06 -9.38
C SER A 47 2.60 12.12 -10.06
N LEU A 48 3.83 12.33 -9.54
CA LEU A 48 4.76 13.36 -10.06
C LEU A 48 5.90 12.75 -10.86
N SER A 49 6.49 13.59 -11.77
CA SER A 49 7.52 13.09 -12.67
C SER A 49 8.94 12.94 -12.14
N GLU A 50 9.38 11.69 -11.89
CA GLU A 50 10.81 11.51 -11.60
C GLU A 50 11.71 11.84 -12.82
N GLN A 51 11.21 11.60 -14.03
CA GLN A 51 12.05 11.89 -15.24
C GLN A 51 12.30 13.39 -15.35
N ASN A 52 11.32 14.21 -14.91
CA ASN A 52 11.51 15.68 -14.93
C ASN A 52 12.68 16.02 -14.07
N LEU A 53 12.77 15.38 -12.88
CA LEU A 53 13.90 15.64 -12.01
C LEU A 53 15.21 15.10 -12.60
N VAL A 54 15.20 13.94 -13.15
CA VAL A 54 16.44 13.34 -13.70
C VAL A 54 17.00 14.20 -14.83
N ASP A 55 16.11 14.58 -15.74
CA ASP A 55 16.59 15.34 -16.90
C ASP A 55 16.92 16.79 -16.66
N CYS A 56 16.28 17.41 -15.64
CA CYS A 56 16.37 18.87 -15.51
C CYS A 56 17.11 19.42 -14.32
N SER A 57 17.46 18.58 -13.34
CA SER A 57 18.10 19.16 -12.15
C SER A 57 19.62 19.07 -12.05
N ARG A 58 20.30 18.91 -13.18
CA ARG A 58 21.76 18.94 -13.18
C ARG A 58 22.31 20.28 -12.64
N PRO A 59 21.74 21.43 -13.01
CA PRO A 59 22.28 22.70 -12.46
C PRO A 59 22.30 22.78 -10.98
N GLN A 60 21.32 22.11 -10.33
CA GLN A 60 21.25 22.09 -8.88
C GLN A 60 22.18 21.10 -8.27
N GLY A 61 22.94 20.34 -9.10
CA GLY A 61 23.88 19.42 -8.52
C GLY A 61 23.52 17.97 -8.59
N ASN A 62 22.40 17.64 -9.23
CA ASN A 62 22.04 16.20 -9.34
C ASN A 62 22.72 15.61 -10.59
N GLN A 63 22.85 14.26 -10.69
CA GLN A 63 23.53 13.65 -11.84
C GLN A 63 22.61 12.63 -12.52
N GLY A 64 21.30 12.87 -12.49
CA GLY A 64 20.40 11.98 -13.19
C GLY A 64 20.50 10.53 -12.76
N CYS A 65 20.68 9.65 -13.79
CA CYS A 65 20.75 8.18 -13.49
C CYS A 65 22.05 7.84 -12.77
N ASN A 66 22.96 8.81 -12.64
CA ASN A 66 24.20 8.52 -11.87
C ASN A 66 24.04 9.00 -10.41
N GLY A 67 22.85 9.35 -9.96
CA GLY A 67 22.76 9.71 -8.54
C GLY A 67 22.35 11.15 -8.32
N GLY A 68 21.96 11.45 -7.10
CA GLY A 68 21.43 12.77 -6.82
C GLY A 68 21.04 12.84 -5.35
N PHE A 69 20.39 13.95 -4.98
CA PHE A 69 20.00 14.17 -3.61
C PHE A 69 18.62 14.85 -3.57
N MET A 70 17.79 14.37 -2.60
CA MET A 70 16.45 14.89 -2.54
C MET A 70 16.41 16.39 -2.29
N ALA A 71 17.30 16.88 -1.42
CA ALA A 71 17.25 18.37 -1.16
C ALA A 71 17.55 19.15 -2.44
N ARG A 72 18.49 18.65 -3.29
CA ARG A 72 18.75 19.33 -4.56
C ARG A 72 17.55 19.26 -5.44
N ALA A 73 16.74 18.16 -5.34
CA ALA A 73 15.55 18.11 -6.15
C ALA A 73 14.50 19.09 -5.65
N PHE A 74 14.34 19.22 -4.30
CA PHE A 74 13.34 20.18 -3.88
C PHE A 74 13.80 21.62 -4.24
N GLN A 75 15.15 21.84 -4.30
N GLN A 75 15.17 21.84 -4.22
CA GLN A 75 15.75 23.12 -4.70
CA GLN A 75 15.70 23.13 -4.61
C GLN A 75 15.35 23.42 -6.12
C GLN A 75 15.36 23.40 -6.07
N TYR A 76 15.51 22.43 -7.01
CA TYR A 76 15.14 22.55 -8.40
C TYR A 76 13.67 22.92 -8.53
N VAL A 77 12.79 22.22 -7.75
CA VAL A 77 11.37 22.51 -7.95
C VAL A 77 11.10 23.94 -7.56
N LYS A 78 11.77 24.40 -6.48
CA LYS A 78 11.59 25.82 -6.07
C LYS A 78 12.11 26.81 -7.15
N GLU A 79 13.35 26.60 -7.61
CA GLU A 79 13.88 27.55 -8.63
C GLU A 79 13.16 27.44 -9.93
N ASN A 80 12.69 26.27 -10.25
CA ASN A 80 11.98 26.07 -11.49
C ASN A 80 10.56 26.56 -11.53
N GLY A 81 9.93 26.74 -10.38
CA GLY A 81 8.54 27.15 -10.36
C GLY A 81 7.52 26.05 -10.54
N GLY A 82 7.94 24.77 -10.58
CA GLY A 82 6.93 23.75 -10.84
C GLY A 82 7.57 22.38 -11.06
N LEU A 83 6.74 21.39 -11.18
CA LEU A 83 7.18 20.00 -11.45
C LEU A 83 6.04 19.33 -12.19
N ASP A 84 6.34 18.67 -13.28
CA ASP A 84 5.30 18.01 -14.08
C ASP A 84 4.76 16.71 -13.52
N SER A 85 3.57 16.37 -13.97
CA SER A 85 2.96 15.07 -13.57
C SER A 85 3.67 13.88 -14.23
N GLU A 86 3.56 12.73 -13.59
CA GLU A 86 4.15 11.49 -14.10
C GLU A 86 3.53 11.18 -15.46
N GLU A 87 2.23 11.44 -15.56
CA GLU A 87 1.58 11.12 -16.84
C GLU A 87 2.07 11.97 -17.98
N SER A 88 2.34 13.22 -17.70
CA SER A 88 2.76 14.14 -18.76
C SER A 88 4.21 14.10 -19.04
N TYR A 89 5.06 13.57 -18.10
CA TYR A 89 6.53 13.53 -18.36
C TYR A 89 6.90 12.14 -17.90
N PRO A 90 6.65 11.13 -18.70
CA PRO A 90 6.91 9.74 -18.29
C PRO A 90 8.30 9.30 -18.00
N TYR A 91 8.36 8.27 -17.14
CA TYR A 91 9.66 7.72 -16.73
C TYR A 91 10.26 6.72 -17.71
N VAL A 92 11.53 6.92 -18.14
CA VAL A 92 12.13 6.00 -19.08
C VAL A 92 13.47 5.45 -18.59
N ALA A 93 13.87 5.85 -17.34
CA ALA A 93 15.07 5.26 -16.72
C ALA A 93 16.39 5.46 -17.47
N VAL A 94 16.52 6.59 -18.19
CA VAL A 94 17.80 6.93 -18.84
C VAL A 94 17.84 8.45 -18.81
N ASP A 95 19.05 9.03 -18.85
CA ASP A 95 19.19 10.49 -18.86
C ASP A 95 18.74 11.04 -20.16
N GLU A 96 17.80 12.02 -20.19
CA GLU A 96 17.30 12.54 -21.46
C GLU A 96 17.28 14.08 -21.42
N ILE A 97 16.88 14.67 -22.55
CA ILE A 97 16.81 16.17 -22.64
C ILE A 97 15.75 16.70 -21.73
N CYS A 98 16.00 17.80 -21.04
CA CYS A 98 15.01 18.36 -20.15
C CYS A 98 13.82 18.86 -21.00
N LYS A 99 12.62 18.35 -20.70
CA LYS A 99 11.42 18.73 -21.42
C LYS A 99 10.42 19.27 -20.41
N TYR A 100 10.89 20.01 -19.40
CA TYR A 100 9.91 20.54 -18.46
C TYR A 100 8.90 21.50 -19.19
N ARG A 101 7.60 21.29 -18.94
CA ARG A 101 6.52 22.13 -19.48
C ARG A 101 5.73 22.77 -18.37
N PRO A 102 5.77 24.08 -18.20
CA PRO A 102 5.01 24.70 -17.11
C PRO A 102 3.55 24.41 -17.17
N GLU A 103 2.98 24.21 -18.38
CA GLU A 103 1.52 24.04 -18.49
C GLU A 103 1.11 22.69 -17.88
N ASN A 104 2.09 21.78 -17.66
CA ASN A 104 1.79 20.46 -17.13
C ASN A 104 2.20 20.34 -15.70
N SER A 105 2.61 21.47 -15.11
CA SER A 105 3.06 21.38 -13.72
C SER A 105 1.85 21.13 -12.78
N VAL A 106 2.04 20.26 -11.77
CA VAL A 106 0.96 20.00 -10.84
C VAL A 106 1.53 20.12 -9.42
N ALA A 107 2.74 20.60 -9.28
CA ALA A 107 3.32 20.77 -7.94
C ALA A 107 4.27 21.92 -7.87
N GLN A 108 4.46 22.46 -6.66
CA GLN A 108 5.40 23.56 -6.39
C GLN A 108 5.89 23.43 -4.97
N ASP A 109 7.08 23.99 -4.68
CA ASP A 109 7.53 24.07 -3.28
C ASP A 109 8.36 25.36 -3.18
N THR A 110 8.47 25.89 -1.97
CA THR A 110 9.19 27.15 -1.69
C THR A 110 10.53 26.86 -1.11
N GLY A 111 10.96 25.59 -1.18
CA GLY A 111 12.19 25.21 -0.51
C GLY A 111 11.92 23.93 0.26
N PHE A 112 12.73 23.68 1.26
CA PHE A 112 12.53 22.41 2.01
C PHE A 112 12.91 22.56 3.44
N THR A 113 12.45 21.64 4.35
CA THR A 113 12.88 21.64 5.74
C THR A 113 13.75 20.43 6.00
N VAL A 114 14.83 20.64 6.73
CA VAL A 114 15.71 19.52 7.12
C VAL A 114 15.40 19.01 8.54
N VAL A 115 15.29 17.66 8.72
CA VAL A 115 15.12 17.08 10.04
C VAL A 115 16.45 17.08 10.80
N ALA A 116 16.48 17.50 12.09
CA ALA A 116 17.80 17.52 12.79
C ALA A 116 18.54 16.22 12.48
N PRO A 117 19.75 16.28 11.88
CA PRO A 117 20.43 15.02 11.56
C PRO A 117 20.72 14.07 12.67
N GLY A 118 20.49 12.79 12.35
CA GLY A 118 20.82 11.76 13.31
C GLY A 118 19.77 11.58 14.38
N LYS A 119 18.70 12.42 14.40
CA LYS A 119 17.80 12.21 15.49
C LYS A 119 16.53 11.46 15.10
N GLU A 120 16.43 10.16 15.48
CA GLU A 120 15.19 9.46 15.11
C GLU A 120 13.96 10.09 15.77
N LYS A 121 14.10 10.66 17.02
CA LYS A 121 12.91 11.30 17.60
C LYS A 121 12.48 12.51 16.78
N ALA A 122 13.47 13.26 16.18
CA ALA A 122 13.11 14.38 15.33
C ALA A 122 12.42 13.88 14.07
N LEU A 123 12.89 12.75 13.51
CA LEU A 123 12.23 12.21 12.34
C LEU A 123 10.83 11.74 12.70
N MET A 124 10.69 11.19 13.88
CA MET A 124 9.33 10.71 14.28
C MET A 124 8.39 11.87 14.39
N LYS A 125 8.89 13.00 14.93
CA LYS A 125 7.99 14.17 15.00
C LYS A 125 7.63 14.69 13.57
N ALA A 126 8.61 14.68 12.65
CA ALA A 126 8.33 15.14 11.29
C ALA A 126 7.30 14.25 10.60
N VAL A 127 7.53 12.94 10.70
CA VAL A 127 6.59 11.98 10.07
C VAL A 127 5.17 12.16 10.65
N ALA A 128 5.11 12.28 11.98
CA ALA A 128 3.75 12.42 12.58
C ALA A 128 3.04 13.71 12.25
N THR A 129 3.79 14.81 12.10
CA THR A 129 3.09 16.07 11.91
C THR A 129 2.98 16.59 10.50
N VAL A 130 3.83 16.11 9.56
CA VAL A 130 3.93 16.65 8.23
C VAL A 130 3.37 15.74 7.16
N GLY A 131 3.76 14.47 7.21
CA GLY A 131 3.43 13.54 6.14
C GLY A 131 4.64 12.72 5.81
N PRO A 132 4.62 12.04 4.65
CA PRO A 132 5.79 11.22 4.28
C PRO A 132 7.06 12.09 4.19
N ILE A 133 8.20 11.55 4.62
CA ILE A 133 9.48 12.25 4.69
C ILE A 133 10.55 11.60 3.82
N SER A 134 11.29 12.41 3.02
CA SER A 134 12.38 11.81 2.23
C SER A 134 13.56 11.50 3.12
N VAL A 135 14.15 10.32 2.96
CA VAL A 135 15.31 9.99 3.77
C VAL A 135 16.33 9.25 2.92
N ALA A 136 17.59 9.33 3.35
CA ALA A 136 18.66 8.53 2.72
C ALA A 136 18.88 7.29 3.62
N MET A 137 19.39 6.21 3.04
CA MET A 137 19.69 5.04 3.82
C MET A 137 20.80 4.24 3.14
N ASP A 138 21.40 3.33 3.90
CA ASP A 138 22.37 2.41 3.34
C ASP A 138 21.61 1.15 2.89
N ALA A 139 21.43 1.00 1.58
CA ALA A 139 20.73 -0.13 1.00
C ALA A 139 21.70 -1.12 0.32
N GLY A 140 23.03 -0.92 0.50
CA GLY A 140 24.04 -1.72 -0.15
C GLY A 140 24.27 -3.12 0.40
N HIS A 141 23.23 -3.93 0.48
CA HIS A 141 23.33 -5.30 1.06
C HIS A 141 22.44 -6.29 0.41
N SER A 142 22.91 -7.54 0.25
N SER A 142 22.91 -7.57 0.30
CA SER A 142 22.05 -8.59 -0.29
CA SER A 142 22.10 -8.64 -0.24
C SER A 142 20.86 -8.80 0.62
C SER A 142 20.88 -8.85 0.66
N SER A 143 21.04 -8.58 1.96
CA SER A 143 19.91 -8.77 2.89
C SER A 143 18.79 -7.79 2.55
N PHE A 144 19.15 -6.62 2.00
CA PHE A 144 18.12 -5.60 1.56
C PHE A 144 17.53 -5.97 0.23
N GLN A 145 18.42 -6.41 -0.67
CA GLN A 145 17.90 -6.79 -1.97
C GLN A 145 16.89 -7.93 -1.87
N PHE A 146 17.12 -8.92 -0.98
CA PHE A 146 16.22 -10.06 -0.81
C PHE A 146 15.27 -9.93 0.36
N TYR A 147 15.13 -8.71 0.92
CA TYR A 147 14.21 -8.53 2.03
C TYR A 147 12.80 -8.96 1.66
N LYS A 148 12.06 -9.57 2.61
CA LYS A 148 10.68 -9.92 2.25
C LYS A 148 9.72 -9.63 3.40
N SER A 149 10.10 -9.94 4.65
CA SER A 149 9.24 -9.75 5.81
C SER A 149 9.99 -9.46 7.07
N GLY A 150 9.28 -8.91 8.09
CA GLY A 150 9.90 -8.68 9.38
C GLY A 150 10.54 -7.32 9.49
N ILE A 151 11.10 -7.02 10.69
CA ILE A 151 11.80 -5.76 10.87
C ILE A 151 13.20 -5.95 10.36
N TYR A 152 13.58 -5.18 9.35
CA TYR A 152 14.91 -5.28 8.78
C TYR A 152 15.97 -4.75 9.69
N PHE A 153 17.03 -5.61 9.94
CA PHE A 153 18.14 -5.18 10.79
C PHE A 153 19.33 -5.83 10.15
N GLU A 154 20.32 -5.04 9.75
CA GLU A 154 21.53 -5.52 9.06
C GLU A 154 22.76 -5.04 9.86
N PRO A 155 23.54 -5.96 10.43
CA PRO A 155 24.71 -5.52 11.20
C PRO A 155 25.70 -4.65 10.50
N ASP A 156 25.83 -4.86 9.20
CA ASP A 156 26.78 -4.13 8.37
C ASP A 156 26.21 -2.79 7.88
N CYS A 157 24.99 -2.44 8.31
CA CYS A 157 24.42 -1.15 7.89
C CYS A 157 25.19 0.03 8.43
N SER A 158 25.41 1.05 7.59
CA SER A 158 26.05 2.27 7.98
C SER A 158 24.97 3.31 8.27
N SER A 159 25.23 4.21 9.23
CA SER A 159 24.33 5.32 9.53
C SER A 159 24.92 6.58 8.90
N LYS A 160 26.12 6.48 8.30
CA LYS A 160 26.76 7.68 7.74
C LYS A 160 27.04 7.64 6.30
N ASN A 161 27.33 6.47 5.73
CA ASN A 161 27.64 6.40 4.31
C ASN A 161 26.46 5.76 3.66
N LEU A 162 25.61 6.62 3.06
CA LEU A 162 24.31 6.23 2.51
C LEU A 162 24.22 6.34 1.03
N ASP A 163 23.73 5.26 0.41
CA ASP A 163 23.71 5.20 -1.04
C ASP A 163 22.34 5.17 -1.65
N HIS A 164 21.26 5.42 -0.87
CA HIS A 164 19.96 5.23 -1.47
C HIS A 164 18.95 6.20 -0.87
N GLY A 165 17.93 6.61 -1.65
CA GLY A 165 16.94 7.56 -1.13
C GLY A 165 15.62 6.81 -1.12
N VAL A 166 14.83 6.95 -0.08
CA VAL A 166 13.57 6.24 0.10
C VAL A 166 12.60 7.19 0.82
N LEU A 167 11.40 6.70 1.11
CA LEU A 167 10.36 7.54 1.67
C LEU A 167 9.81 6.92 2.92
N VAL A 168 9.90 7.67 4.08
CA VAL A 168 9.27 7.17 5.28
C VAL A 168 7.82 7.60 5.25
N VAL A 169 6.93 6.59 5.17
CA VAL A 169 5.49 6.88 5.09
C VAL A 169 4.83 6.67 6.43
N GLY A 170 5.58 6.30 7.48
CA GLY A 170 4.94 6.10 8.76
C GLY A 170 5.87 5.35 9.69
N TYR A 171 5.32 4.94 10.82
CA TYR A 171 6.10 4.11 11.77
C TYR A 171 5.13 3.31 12.59
N GLY A 172 5.64 2.27 13.25
CA GLY A 172 4.72 1.38 13.94
C GLY A 172 5.47 0.52 14.91
N PHE A 173 4.81 -0.50 15.39
CA PHE A 173 5.46 -1.39 16.30
C PHE A 173 4.76 -2.73 16.22
N GLU A 174 5.46 -3.74 16.60
CA GLU A 174 4.88 -5.10 16.62
C GLU A 174 4.38 -5.39 18.01
N GLY A 175 3.40 -6.26 18.12
CA GLY A 175 2.95 -6.59 19.47
C GLY A 175 2.07 -5.54 20.10
N ALA A 176 1.85 -5.68 21.42
CA ALA A 176 0.98 -4.76 22.17
C ALA A 176 1.71 -3.61 22.80
N ASN A 177 3.06 -3.71 22.95
CA ASN A 177 3.79 -2.64 23.57
C ASN A 177 4.22 -1.69 22.50
N SER A 178 3.77 -0.45 22.58
CA SER A 178 4.14 0.47 21.51
C SER A 178 5.58 0.95 21.68
N GLN A 179 6.24 0.58 22.83
CA GLN A 179 7.56 1.11 23.12
C GLN A 179 8.68 0.16 22.78
N ASN A 180 8.38 -0.98 22.08
CA ASN A 180 9.49 -1.84 21.67
C ASN A 180 9.10 -2.52 20.39
N SER A 181 10.04 -3.24 19.75
CA SER A 181 9.87 -3.88 18.43
C SER A 181 9.26 -2.84 17.44
N LYS A 182 9.84 -1.66 17.47
CA LYS A 182 9.43 -0.54 16.59
C LYS A 182 10.03 -0.54 15.20
N TYR A 183 9.32 0.07 14.27
CA TYR A 183 9.89 0.10 12.91
C TYR A 183 9.41 1.37 12.18
N TRP A 184 10.21 1.73 11.17
CA TRP A 184 9.92 2.80 10.22
C TRP A 184 9.22 2.14 9.05
N LEU A 185 8.15 2.71 8.53
CA LEU A 185 7.50 2.11 7.36
C LEU A 185 8.16 2.82 6.15
N VAL A 186 8.84 2.07 5.30
CA VAL A 186 9.57 2.69 4.19
C VAL A 186 9.15 2.24 2.84
N LYS A 187 8.84 3.22 1.98
CA LYS A 187 8.49 2.96 0.59
C LYS A 187 9.80 2.96 -0.25
N ASN A 188 10.03 1.89 -0.98
CA ASN A 188 11.18 1.80 -1.87
C ASN A 188 10.71 2.14 -3.30
N SER A 189 11.67 2.18 -4.25
CA SER A 189 11.32 2.47 -5.67
C SER A 189 11.89 1.32 -6.56
N TRP A 190 11.69 0.04 -6.09
CA TRP A 190 12.23 -1.12 -6.81
C TRP A 190 11.09 -1.97 -7.30
N GLY A 191 9.92 -1.35 -7.45
CA GLY A 191 8.77 -2.08 -7.92
C GLY A 191 8.06 -2.73 -6.76
N PRO A 192 6.77 -3.02 -6.91
CA PRO A 192 5.92 -3.68 -5.92
C PRO A 192 6.38 -5.14 -5.62
N GLU A 193 7.09 -5.76 -6.61
CA GLU A 193 7.55 -7.13 -6.42
C GLU A 193 8.67 -7.21 -5.41
N TRP A 194 9.41 -6.11 -5.27
CA TRP A 194 10.50 -6.11 -4.28
C TRP A 194 9.97 -6.05 -2.86
N GLY A 195 10.61 -6.70 -1.88
CA GLY A 195 10.16 -6.45 -0.52
C GLY A 195 8.74 -6.88 -0.24
N SER A 196 8.11 -6.14 0.65
CA SER A 196 6.72 -6.41 1.02
C SER A 196 5.80 -5.47 0.22
N ASN A 197 5.35 -5.87 -1.00
CA ASN A 197 4.58 -4.97 -1.85
C ASN A 197 5.35 -3.66 -2.10
N GLY A 198 6.68 -3.70 -2.10
CA GLY A 198 7.48 -2.53 -2.43
C GLY A 198 7.96 -1.78 -1.21
N TYR A 199 7.54 -2.28 -0.06
CA TYR A 199 7.85 -1.70 1.24
C TYR A 199 8.73 -2.51 2.13
N VAL A 200 9.32 -1.81 3.15
CA VAL A 200 10.17 -2.53 4.11
C VAL A 200 9.94 -1.90 5.46
N LYS A 201 9.99 -2.74 6.52
CA LYS A 201 9.92 -2.19 7.87
C LYS A 201 11.34 -2.11 8.33
N ILE A 202 11.86 -0.92 8.66
CA ILE A 202 13.27 -0.85 9.10
C ILE A 202 13.30 -0.60 10.61
N ALA A 203 14.22 -1.29 11.33
CA ALA A 203 14.26 -1.16 12.77
C ALA A 203 14.37 0.29 13.17
N LYS A 204 13.52 0.67 14.16
CA LYS A 204 13.39 2.03 14.68
C LYS A 204 13.86 2.08 16.14
N ASP A 205 14.52 3.16 16.50
CA ASP A 205 15.10 3.33 17.84
C ASP A 205 16.13 2.24 18.10
N LYS A 206 16.90 1.90 17.04
CA LYS A 206 18.00 0.95 17.16
C LYS A 206 19.24 1.70 16.63
N ASN A 207 19.47 2.85 17.22
CA ASN A 207 20.61 3.71 16.89
C ASN A 207 20.67 4.18 15.45
N ASN A 208 19.58 4.71 14.98
CA ASN A 208 19.55 5.31 13.64
C ASN A 208 19.99 4.29 12.62
N HIS A 209 19.33 3.12 12.67
CA HIS A 209 19.74 2.01 11.79
C HIS A 209 19.66 2.33 10.30
N CYS A 210 20.73 1.99 9.62
CA CYS A 210 20.90 2.25 8.19
C CYS A 210 20.81 3.73 7.87
N GLY A 211 20.90 4.62 8.89
CA GLY A 211 20.99 6.05 8.61
C GLY A 211 19.68 6.73 8.29
N ILE A 212 18.54 6.09 8.60
CA ILE A 212 17.25 6.72 8.18
C ILE A 212 17.03 8.13 8.64
N ALA A 213 17.61 8.50 9.78
CA ALA A 213 17.40 9.88 10.29
C ALA A 213 18.63 10.79 10.02
N THR A 214 19.61 10.33 9.24
CA THR A 214 20.82 11.10 9.01
C THR A 214 20.63 12.26 8.07
N ALA A 215 19.79 12.09 7.02
CA ALA A 215 19.66 13.11 5.99
C ALA A 215 18.25 13.13 5.50
N ALA A 216 17.32 13.47 6.43
CA ALA A 216 15.89 13.48 6.14
C ALA A 216 15.40 14.92 5.85
N SER A 217 14.47 15.04 4.93
CA SER A 217 13.97 16.35 4.60
C SER A 217 12.60 16.27 3.96
N TYR A 218 11.88 17.42 3.87
CA TYR A 218 10.58 17.42 3.18
C TYR A 218 10.39 18.78 2.53
N PRO A 219 9.68 18.79 1.42
CA PRO A 219 9.45 20.05 0.71
C PRO A 219 8.45 20.91 1.43
N ASN A 220 8.62 22.22 1.31
CA ASN A 220 7.66 23.15 1.89
C ASN A 220 6.67 23.57 0.83
N VAL A 221 5.37 23.29 1.02
CA VAL A 221 4.43 23.64 -0.04
C VAL A 221 3.46 24.72 0.48
N LEU B 1 -11.68 -8.66 -22.64
CA LEU B 1 -11.20 -8.22 -21.34
C LEU B 1 -9.68 -8.24 -21.32
N PRO B 2 -9.05 -7.42 -20.46
CA PRO B 2 -7.60 -7.36 -20.33
C PRO B 2 -7.08 -8.72 -19.92
N LYS B 3 -5.85 -9.10 -20.34
CA LYS B 3 -5.24 -10.38 -19.99
C LYS B 3 -4.75 -10.34 -18.55
N SER B 4 -4.58 -9.13 -18.02
CA SER B 4 -4.17 -8.98 -16.63
C SER B 4 -4.73 -7.68 -16.07
N VAL B 5 -5.00 -7.67 -14.76
CA VAL B 5 -5.58 -6.52 -14.10
C VAL B 5 -4.95 -6.43 -12.73
N ASP B 6 -4.55 -5.22 -12.27
CA ASP B 6 -3.99 -5.17 -10.91
C ASP B 6 -4.36 -3.81 -10.37
N TRP B 7 -5.46 -3.78 -9.61
CA TRP B 7 -5.95 -2.51 -9.11
C TRP B 7 -5.01 -1.82 -8.13
N ARG B 8 -4.04 -2.56 -7.61
CA ARG B 8 -3.10 -1.92 -6.69
C ARG B 8 -2.29 -0.86 -7.40
N LYS B 9 -2.06 -1.12 -8.71
CA LYS B 9 -1.23 -0.20 -9.50
C LYS B 9 -1.95 1.12 -9.76
N LYS B 10 -3.26 1.13 -9.58
CA LYS B 10 -4.09 2.30 -9.84
C LYS B 10 -4.54 3.08 -8.62
N GLY B 11 -4.05 2.71 -7.43
CA GLY B 11 -4.43 3.49 -6.23
C GLY B 11 -5.65 3.03 -5.46
N TYR B 12 -6.21 1.85 -5.82
CA TYR B 12 -7.46 1.34 -5.22
C TYR B 12 -7.33 0.56 -3.92
N VAL B 13 -6.09 0.21 -3.52
CA VAL B 13 -5.90 -0.73 -2.41
C VAL B 13 -5.02 -0.22 -1.27
N THR B 14 -5.54 -0.34 -0.05
CA THR B 14 -4.80 0.06 1.15
C THR B 14 -3.77 -1.03 1.47
N PRO B 15 -2.86 -0.77 2.41
CA PRO B 15 -1.87 -1.79 2.75
C PRO B 15 -2.51 -3.03 3.33
N VAL B 16 -1.75 -4.11 3.31
CA VAL B 16 -2.21 -5.37 3.92
C VAL B 16 -2.42 -5.12 5.43
N LYS B 17 -3.55 -5.62 5.97
CA LYS B 17 -3.91 -5.47 7.36
C LYS B 17 -3.85 -6.82 8.04
N ASN B 18 -4.09 -6.84 9.34
CA ASN B 18 -3.94 -8.20 10.01
C ASN B 18 -5.08 -8.32 11.05
N GLN B 19 -6.01 -9.28 10.74
CA GLN B 19 -7.13 -9.52 11.64
C GLN B 19 -6.69 -10.14 12.96
N LYS B 20 -5.51 -10.76 13.02
CA LYS B 20 -4.98 -11.39 14.21
C LYS B 20 -5.97 -12.45 14.73
N GLN B 21 -6.09 -12.64 16.05
CA GLN B 21 -6.91 -13.74 16.55
C GLN B 21 -8.34 -13.33 16.79
N CYS B 22 -9.03 -12.97 15.71
CA CYS B 22 -10.39 -12.53 15.70
C CYS B 22 -10.93 -13.01 14.35
N GLY B 23 -12.10 -13.70 14.33
CA GLY B 23 -12.62 -14.18 13.06
C GLY B 23 -13.32 -13.08 12.30
N SER B 24 -12.57 -12.03 11.92
CA SER B 24 -13.16 -10.88 11.29
C SER B 24 -12.75 -10.74 9.79
N ALA B 25 -12.38 -11.81 9.11
CA ALA B 25 -11.98 -11.64 7.68
C ALA B 25 -13.08 -11.01 6.85
N TRP B 26 -14.34 -11.33 7.15
CA TRP B 26 -15.47 -10.75 6.47
C TRP B 26 -15.45 -9.23 6.55
N ALA B 27 -15.00 -8.70 7.66
CA ALA B 27 -14.93 -7.25 7.82
C ALA B 27 -13.79 -6.65 6.95
N PHE B 28 -12.62 -7.29 6.94
CA PHE B 28 -11.49 -6.82 6.12
C PHE B 28 -11.84 -6.93 4.63
N SER B 29 -12.55 -8.02 4.28
CA SER B 29 -12.89 -8.16 2.84
C SER B 29 -13.85 -7.03 2.43
N ALA B 30 -14.82 -6.74 3.30
CA ALA B 30 -15.79 -5.68 3.00
C ALA B 30 -15.10 -4.30 2.98
N THR B 31 -14.23 -4.01 3.99
CA THR B 31 -13.62 -2.65 3.92
C THR B 31 -12.74 -2.58 2.68
N GLY B 32 -12.03 -3.70 2.27
CA GLY B 32 -11.22 -3.62 1.06
C GLY B 32 -12.10 -3.25 -0.13
N ALA B 33 -13.24 -3.91 -0.26
CA ALA B 33 -14.05 -3.52 -1.42
C ALA B 33 -14.61 -2.10 -1.35
N LEU B 34 -15.08 -1.65 -0.14
CA LEU B 34 -15.61 -0.31 -0.05
C LEU B 34 -14.47 0.75 -0.27
N GLU B 35 -13.23 0.41 0.20
CA GLU B 35 -12.08 1.30 0.00
C GLU B 35 -11.87 1.50 -1.51
N GLY B 36 -11.99 0.41 -2.28
CA GLY B 36 -11.75 0.55 -3.71
C GLY B 36 -12.87 1.37 -4.36
N GLN B 37 -14.12 1.14 -3.94
CA GLN B 37 -15.21 1.90 -4.56
C GLN B 37 -15.22 3.36 -4.16
N MET B 38 -14.93 3.68 -2.88
CA MET B 38 -14.87 5.07 -2.44
C MET B 38 -13.72 5.79 -3.17
N PHE B 39 -12.65 5.07 -3.45
CA PHE B 39 -11.52 5.68 -4.17
C PHE B 39 -11.95 6.01 -5.58
N ARG B 40 -12.61 5.07 -6.24
CA ARG B 40 -13.04 5.33 -7.61
C ARG B 40 -14.00 6.53 -7.64
N LYS B 41 -14.85 6.67 -6.60
CA LYS B 41 -15.77 7.81 -6.54
C LYS B 41 -15.13 9.17 -6.19
N THR B 42 -14.05 9.18 -5.40
CA THR B 42 -13.49 10.44 -4.91
C THR B 42 -12.02 10.74 -5.22
N GLY B 43 -11.24 9.74 -5.70
CA GLY B 43 -9.82 9.98 -5.86
C GLY B 43 -9.07 9.88 -4.54
N LYS B 44 -9.77 9.57 -3.41
CA LYS B 44 -9.09 9.52 -2.13
C LYS B 44 -9.13 8.13 -1.53
N LEU B 45 -7.95 7.61 -1.24
CA LEU B 45 -7.80 6.27 -0.65
C LEU B 45 -7.72 6.40 0.83
N VAL B 46 -8.80 5.95 1.52
CA VAL B 46 -8.84 6.06 2.97
C VAL B 46 -9.22 4.76 3.63
N SER B 47 -8.32 4.28 4.51
CA SER B 47 -8.59 3.01 5.18
C SER B 47 -9.85 3.10 6.07
N LEU B 48 -10.69 2.06 5.98
CA LEU B 48 -11.95 2.01 6.72
C LEU B 48 -11.82 1.12 7.94
N SER B 49 -12.75 1.33 8.89
CA SER B 49 -12.71 0.66 10.16
C SER B 49 -13.33 -0.71 10.22
N GLU B 50 -12.52 -1.77 10.23
CA GLU B 50 -13.07 -3.12 10.48
C GLU B 50 -13.62 -3.15 11.89
N GLN B 51 -12.98 -2.41 12.84
CA GLN B 51 -13.51 -2.53 14.21
C GLN B 51 -14.98 -1.98 14.31
N ASN B 52 -15.27 -0.93 13.53
CA ASN B 52 -16.63 -0.36 13.45
C ASN B 52 -17.56 -1.49 12.95
N LEU B 53 -17.10 -2.25 11.94
CA LEU B 53 -17.97 -3.33 11.46
C LEU B 53 -18.15 -4.44 12.52
N VAL B 54 -17.05 -4.85 13.14
CA VAL B 54 -17.08 -5.90 14.17
C VAL B 54 -18.02 -5.49 15.35
N ASP B 55 -17.88 -4.27 15.85
CA ASP B 55 -18.67 -3.90 17.00
C ASP B 55 -20.10 -3.52 16.76
N CYS B 56 -20.39 -3.07 15.54
CA CYS B 56 -21.70 -2.47 15.28
C CYS B 56 -22.64 -3.20 14.40
N SER B 57 -22.21 -4.24 13.71
CA SER B 57 -23.12 -4.84 12.73
C SER B 57 -23.86 -6.11 13.13
N ARG B 58 -23.98 -6.36 14.43
CA ARG B 58 -24.72 -7.52 14.94
C ARG B 58 -26.18 -7.45 14.46
N PRO B 59 -26.86 -6.28 14.46
CA PRO B 59 -28.25 -6.25 13.97
C PRO B 59 -28.41 -6.77 12.59
N GLN B 60 -27.39 -6.61 11.71
CA GLN B 60 -27.46 -7.09 10.35
C GLN B 60 -27.12 -8.57 10.22
N GLY B 61 -26.83 -9.22 11.31
CA GLY B 61 -26.53 -10.63 11.26
C GLY B 61 -25.06 -11.02 11.37
N ASN B 62 -24.15 -10.07 11.60
CA ASN B 62 -22.75 -10.44 11.75
C ASN B 62 -22.48 -10.80 13.19
N GLN B 63 -21.38 -11.57 13.46
CA GLN B 63 -21.10 -11.97 14.81
C GLN B 63 -19.69 -11.57 15.24
N GLY B 64 -19.24 -10.40 14.77
CA GLY B 64 -17.92 -9.92 15.21
C GLY B 64 -16.77 -10.88 14.97
N CYS B 65 -16.01 -11.20 16.08
CA CYS B 65 -14.85 -12.08 15.95
C CYS B 65 -15.32 -13.52 15.77
N ASN B 66 -16.62 -13.77 15.93
CA ASN B 66 -17.11 -15.13 15.72
C ASN B 66 -17.55 -15.31 14.24
N GLY B 67 -17.28 -14.34 13.37
CA GLY B 67 -17.61 -14.52 11.96
C GLY B 67 -18.70 -13.62 11.46
N GLY B 68 -18.86 -13.60 10.17
CA GLY B 68 -19.83 -12.65 9.62
C GLY B 68 -19.81 -12.75 8.12
N PHE B 69 -20.49 -11.80 7.46
CA PHE B 69 -20.60 -11.87 6.01
C PHE B 69 -20.40 -10.52 5.38
N MET B 70 -19.68 -10.50 4.25
CA MET B 70 -19.39 -9.21 3.60
C MET B 70 -20.67 -8.49 3.19
N ALA B 71 -21.64 -9.28 2.65
CA ALA B 71 -22.87 -8.63 2.24
C ALA B 71 -23.59 -8.00 3.40
N ARG B 72 -23.54 -8.64 4.58
CA ARG B 72 -24.20 -8.02 5.73
C ARG B 72 -23.46 -6.78 6.16
N ALA B 73 -22.11 -6.76 5.95
CA ALA B 73 -21.38 -5.56 6.28
C ALA B 73 -21.83 -4.40 5.37
N PHE B 74 -21.97 -4.65 4.09
CA PHE B 74 -22.39 -3.54 3.21
C PHE B 74 -23.84 -3.13 3.58
N GLN B 75 -24.64 -4.10 4.07
CA GLN B 75 -26.04 -3.78 4.47
C GLN B 75 -25.98 -2.89 5.71
N TYR B 76 -25.04 -3.17 6.65
CA TYR B 76 -24.93 -2.31 7.79
C TYR B 76 -24.54 -0.88 7.36
N VAL B 77 -23.58 -0.77 6.41
CA VAL B 77 -23.14 0.59 6.07
C VAL B 77 -24.31 1.37 5.48
N LYS B 78 -25.10 0.64 4.69
CA LYS B 78 -26.28 1.29 4.09
C LYS B 78 -27.29 1.76 5.13
N GLU B 79 -27.64 0.88 6.07
CA GLU B 79 -28.67 1.17 7.10
C GLU B 79 -28.18 2.18 8.09
N ASN B 80 -26.87 2.15 8.32
CA ASN B 80 -26.28 3.06 9.29
C ASN B 80 -26.03 4.46 8.78
N GLY B 81 -25.95 4.62 7.48
CA GLY B 81 -25.70 5.92 6.89
C GLY B 81 -24.22 6.27 6.86
N GLY B 82 -23.34 5.33 7.22
CA GLY B 82 -21.92 5.70 7.16
C GLY B 82 -21.03 4.62 7.74
N LEU B 83 -19.73 4.83 7.66
CA LEU B 83 -18.77 3.90 8.19
C LEU B 83 -17.48 4.73 8.53
N ASP B 84 -17.00 4.57 9.77
CA ASP B 84 -15.87 5.38 10.19
C ASP B 84 -14.53 4.99 9.61
N SER B 85 -13.65 5.96 9.57
CA SER B 85 -12.26 5.71 9.12
C SER B 85 -11.50 4.79 10.09
N GLU B 86 -10.54 4.04 9.59
CA GLU B 86 -9.78 3.26 10.59
C GLU B 86 -9.03 4.19 11.56
N GLU B 87 -8.58 5.36 11.06
CA GLU B 87 -7.86 6.30 11.92
C GLU B 87 -8.70 6.69 13.10
N SER B 88 -9.99 6.94 12.86
CA SER B 88 -10.85 7.35 13.99
C SER B 88 -11.31 6.19 14.90
N TYR B 89 -11.31 4.97 14.36
CA TYR B 89 -11.91 3.79 15.01
C TYR B 89 -10.98 2.64 14.81
N PRO B 90 -9.92 2.58 15.58
CA PRO B 90 -8.87 1.54 15.46
C PRO B 90 -9.21 0.16 15.77
N TYR B 91 -8.45 -0.74 15.14
CA TYR B 91 -8.74 -2.20 15.27
C TYR B 91 -7.99 -2.77 16.45
N VAL B 92 -8.69 -3.54 17.34
CA VAL B 92 -8.04 -4.21 18.46
C VAL B 92 -8.28 -5.72 18.45
N ALA B 93 -8.94 -6.26 17.38
CA ALA B 93 -9.11 -7.72 17.26
C ALA B 93 -9.85 -8.42 18.40
N VAL B 94 -10.84 -7.74 18.99
CA VAL B 94 -11.74 -8.34 19.98
C VAL B 94 -13.10 -7.69 19.77
N ASP B 95 -14.15 -8.35 20.26
CA ASP B 95 -15.50 -7.81 20.12
C ASP B 95 -15.70 -6.70 21.12
N GLU B 96 -16.12 -5.49 20.69
CA GLU B 96 -16.31 -4.39 21.66
C GLU B 96 -17.60 -3.68 21.42
N ILE B 97 -17.97 -2.76 22.35
CA ILE B 97 -19.21 -1.99 22.18
C ILE B 97 -19.14 -1.03 21.01
N CYS B 98 -20.23 -0.91 20.27
CA CYS B 98 -20.23 0.00 19.12
C CYS B 98 -19.89 1.45 19.52
N LYS B 99 -18.96 2.09 18.77
CA LYS B 99 -18.57 3.47 19.04
C LYS B 99 -18.73 4.33 17.82
N TYR B 100 -19.58 3.93 16.90
CA TYR B 100 -19.73 4.70 15.66
C TYR B 100 -20.12 6.15 15.86
N ARG B 101 -19.44 7.07 15.13
CA ARG B 101 -19.83 8.49 15.14
C ARG B 101 -19.99 8.97 13.70
N PRO B 102 -21.15 9.53 13.32
CA PRO B 102 -21.25 10.00 11.94
C PRO B 102 -20.22 11.03 11.55
N GLU B 103 -19.75 11.84 12.52
CA GLU B 103 -18.80 12.88 12.16
C GLU B 103 -17.49 12.29 11.67
N ASN B 104 -17.24 11.01 12.01
CA ASN B 104 -16.03 10.29 11.58
C ASN B 104 -16.21 9.44 10.36
N SER B 105 -17.44 9.45 9.79
CA SER B 105 -17.66 8.60 8.62
C SER B 105 -16.99 9.10 7.37
N VAL B 106 -16.43 8.19 6.57
CA VAL B 106 -15.77 8.55 5.34
C VAL B 106 -16.25 7.68 4.21
N ALA B 107 -17.33 6.91 4.43
CA ALA B 107 -17.82 6.06 3.33
C ALA B 107 -19.33 5.84 3.49
N GLN B 108 -20.00 5.55 2.37
CA GLN B 108 -21.43 5.22 2.35
C GLN B 108 -21.67 4.22 1.23
N ASP B 109 -22.73 3.43 1.33
CA ASP B 109 -23.10 2.59 0.19
C ASP B 109 -24.63 2.47 0.21
N THR B 110 -25.17 2.09 -0.93
CA THR B 110 -26.63 2.01 -1.06
C THR B 110 -27.09 0.58 -1.17
N GLY B 111 -26.19 -0.38 -0.91
CA GLY B 111 -26.56 -1.77 -1.08
C GLY B 111 -25.32 -2.42 -1.68
N PHE B 112 -25.51 -3.54 -2.33
CA PHE B 112 -24.40 -4.22 -2.92
C PHE B 112 -24.85 -5.00 -4.16
N THR B 113 -23.91 -5.37 -5.02
CA THR B 113 -24.13 -6.18 -6.20
C THR B 113 -23.46 -7.55 -6.06
N VAL B 114 -24.19 -8.62 -6.43
CA VAL B 114 -23.64 -9.97 -6.36
C VAL B 114 -23.19 -10.43 -7.72
N VAL B 115 -21.98 -11.00 -7.83
CA VAL B 115 -21.49 -11.56 -9.08
C VAL B 115 -22.17 -12.88 -9.36
N ALA B 116 -22.44 -13.19 -10.64
CA ALA B 116 -23.10 -14.47 -10.95
C ALA B 116 -22.42 -15.61 -10.20
N PRO B 117 -23.13 -16.29 -9.29
CA PRO B 117 -22.45 -17.37 -8.55
C PRO B 117 -21.83 -18.51 -9.36
N GLY B 118 -20.59 -18.91 -8.96
CA GLY B 118 -19.93 -20.03 -9.59
C GLY B 118 -19.28 -19.67 -10.91
N LYS B 119 -19.42 -18.43 -11.40
CA LYS B 119 -18.88 -18.12 -12.73
C LYS B 119 -17.65 -17.22 -12.71
N GLU B 120 -16.51 -17.86 -12.93
CA GLU B 120 -15.21 -17.19 -12.93
C GLU B 120 -15.13 -16.19 -14.03
N LYS B 121 -15.79 -16.48 -15.17
CA LYS B 121 -15.77 -15.44 -16.18
C LYS B 121 -16.59 -14.21 -15.75
N ALA B 122 -17.67 -14.38 -14.93
CA ALA B 122 -18.43 -13.25 -14.46
C ALA B 122 -17.59 -12.46 -13.47
N LEU B 123 -16.83 -13.19 -12.66
CA LEU B 123 -15.95 -12.51 -11.71
C LEU B 123 -14.81 -11.75 -12.46
N MET B 124 -14.26 -12.36 -13.51
CA MET B 124 -13.19 -11.69 -14.32
C MET B 124 -13.75 -10.36 -14.88
N LYS B 125 -14.97 -10.41 -15.42
CA LYS B 125 -15.57 -9.19 -15.90
C LYS B 125 -15.87 -8.15 -14.83
N ALA B 126 -16.28 -8.58 -13.61
CA ALA B 126 -16.53 -7.63 -12.55
C ALA B 126 -15.18 -6.97 -12.12
N VAL B 127 -14.14 -7.80 -11.93
CA VAL B 127 -12.82 -7.28 -11.52
C VAL B 127 -12.32 -6.26 -12.54
N ALA B 128 -12.47 -6.60 -13.83
CA ALA B 128 -11.96 -5.72 -14.88
C ALA B 128 -12.67 -4.38 -14.98
N THR B 129 -13.96 -4.34 -14.63
CA THR B 129 -14.74 -3.13 -14.80
C THR B 129 -15.09 -2.37 -13.54
N VAL B 130 -15.11 -3.06 -12.37
CA VAL B 130 -15.54 -2.40 -11.15
C VAL B 130 -14.41 -1.96 -10.23
N GLY B 131 -13.42 -2.84 -10.07
CA GLY B 131 -12.37 -2.59 -9.08
C GLY B 131 -12.28 -3.84 -8.21
N PRO B 132 -11.65 -3.72 -7.02
CA PRO B 132 -11.54 -4.91 -6.16
C PRO B 132 -12.91 -5.49 -5.76
N ILE B 133 -12.99 -6.82 -5.68
CA ILE B 133 -14.26 -7.51 -5.33
C ILE B 133 -14.14 -8.37 -4.10
N SER B 134 -15.09 -8.28 -3.16
CA SER B 134 -15.08 -9.19 -2.02
C SER B 134 -15.42 -10.59 -2.45
N VAL B 135 -14.73 -11.60 -1.92
CA VAL B 135 -15.05 -12.98 -2.25
C VAL B 135 -14.86 -13.85 -1.05
N ALA B 136 -15.59 -14.97 -1.05
CA ALA B 136 -15.46 -16.01 -0.03
C ALA B 136 -14.59 -17.12 -0.54
N MET B 137 -13.83 -17.82 0.34
CA MET B 137 -13.02 -18.91 -0.17
C MET B 137 -12.88 -19.97 0.88
N ASP B 138 -12.38 -21.12 0.47
CA ASP B 138 -12.10 -22.22 1.41
C ASP B 138 -10.62 -22.11 1.78
N ALA B 139 -10.35 -21.59 2.98
CA ALA B 139 -8.99 -21.38 3.49
C ALA B 139 -8.64 -22.47 4.53
N GLY B 140 -9.58 -23.43 4.73
CA GLY B 140 -9.48 -24.50 5.72
C GLY B 140 -8.47 -25.60 5.48
N HIS B 141 -7.28 -25.28 5.05
CA HIS B 141 -6.24 -26.31 4.79
C HIS B 141 -4.88 -25.81 5.22
N SER B 142 -4.03 -26.71 5.81
CA SER B 142 -2.72 -26.27 6.25
C SER B 142 -1.89 -25.68 5.15
N SER B 143 -2.07 -26.11 3.88
CA SER B 143 -1.29 -25.51 2.80
C SER B 143 -1.51 -23.99 2.71
N PHE B 144 -2.71 -23.51 3.10
CA PHE B 144 -2.99 -22.08 3.01
C PHE B 144 -2.23 -21.29 4.06
N GLN B 145 -2.20 -21.81 5.31
CA GLN B 145 -1.45 -21.16 6.35
C GLN B 145 0.02 -21.04 6.04
N PHE B 146 0.57 -22.05 5.37
CA PHE B 146 1.99 -22.06 5.06
C PHE B 146 2.35 -21.57 3.65
N TYR B 147 1.40 -21.09 2.93
CA TYR B 147 1.66 -20.60 1.56
C TYR B 147 2.72 -19.45 1.57
N LYS B 148 3.67 -19.52 0.64
CA LYS B 148 4.69 -18.45 0.54
C LYS B 148 4.69 -17.81 -0.85
N SER B 149 4.59 -18.63 -1.89
CA SER B 149 4.67 -18.01 -3.24
C SER B 149 4.16 -18.96 -4.31
N GLY B 150 4.05 -18.46 -5.50
CA GLY B 150 3.55 -19.31 -6.59
C GLY B 150 2.02 -19.33 -6.69
N ILE B 151 1.50 -20.12 -7.66
CA ILE B 151 0.05 -20.20 -7.80
C ILE B 151 -0.42 -21.24 -6.81
N TYR B 152 -1.31 -20.84 -5.90
CA TYR B 152 -1.83 -21.74 -4.92
C TYR B 152 -2.85 -22.71 -5.57
N PHE B 153 -2.62 -24.00 -5.36
CA PHE B 153 -3.56 -25.04 -5.87
C PHE B 153 -3.61 -26.12 -4.81
N GLU B 154 -4.76 -26.31 -4.18
CA GLU B 154 -4.98 -27.24 -3.10
C GLU B 154 -5.95 -28.29 -3.58
N PRO B 155 -5.49 -29.52 -3.75
CA PRO B 155 -6.40 -30.58 -4.22
C PRO B 155 -7.61 -30.80 -3.42
N ASP B 156 -7.53 -30.60 -2.12
N ASP B 156 -7.52 -30.59 -2.15
CA ASP B 156 -8.71 -30.84 -1.31
CA ASP B 156 -8.64 -30.84 -1.28
C ASP B 156 -9.59 -29.59 -1.16
C ASP B 156 -9.54 -29.60 -1.11
N CYS B 157 -9.31 -28.52 -1.94
CA CYS B 157 -10.13 -27.31 -1.80
C CYS B 157 -11.58 -27.50 -2.25
N SER B 158 -12.50 -26.84 -1.55
CA SER B 158 -13.91 -26.90 -1.83
C SER B 158 -14.37 -25.56 -2.40
N SER B 159 -15.33 -25.64 -3.31
CA SER B 159 -15.89 -24.41 -3.80
C SER B 159 -17.19 -24.13 -3.07
N LYS B 160 -17.59 -24.98 -2.08
CA LYS B 160 -18.87 -24.74 -1.42
C LYS B 160 -18.75 -24.47 0.01
N ASN B 161 -17.75 -25.06 0.64
CA ASN B 161 -17.56 -24.84 2.03
C ASN B 161 -16.64 -23.68 2.07
N LEU B 162 -17.16 -22.48 2.43
CA LEU B 162 -16.28 -21.31 2.40
C LEU B 162 -16.23 -20.65 3.76
N ASP B 163 -15.06 -20.68 4.36
CA ASP B 163 -14.95 -20.20 5.73
C ASP B 163 -14.16 -18.91 5.86
N HIS B 164 -13.84 -18.27 4.73
CA HIS B 164 -12.93 -17.11 4.81
C HIS B 164 -13.34 -16.03 3.80
N GLY B 165 -13.10 -14.75 4.12
CA GLY B 165 -13.45 -13.66 3.23
C GLY B 165 -12.14 -12.98 2.85
N VAL B 166 -11.97 -12.69 1.52
CA VAL B 166 -10.72 -12.06 1.06
C VAL B 166 -11.09 -11.10 -0.06
N LEU B 167 -10.08 -10.41 -0.66
CA LEU B 167 -10.32 -9.42 -1.71
C LEU B 167 -9.58 -9.72 -3.00
N VAL B 168 -10.33 -9.84 -4.12
CA VAL B 168 -9.67 -10.07 -5.43
C VAL B 168 -9.34 -8.71 -5.97
N VAL B 169 -8.03 -8.41 -6.12
CA VAL B 169 -7.60 -7.10 -6.58
C VAL B 169 -7.16 -7.17 -8.02
N GLY B 170 -7.26 -8.33 -8.62
CA GLY B 170 -6.77 -8.45 -10.00
C GLY B 170 -6.66 -9.87 -10.43
N TYR B 171 -6.04 -10.08 -11.62
CA TYR B 171 -5.78 -11.41 -12.14
C TYR B 171 -4.65 -11.31 -13.12
N GLY B 172 -4.08 -12.43 -13.42
CA GLY B 172 -2.91 -12.45 -14.28
C GLY B 172 -2.58 -13.85 -14.72
N PHE B 173 -1.35 -14.01 -15.18
CA PHE B 173 -0.85 -15.29 -15.65
C PHE B 173 0.66 -15.30 -15.50
N GLU B 174 1.24 -16.48 -15.28
CA GLU B 174 2.70 -16.62 -15.20
C GLU B 174 3.20 -17.08 -16.56
N GLY B 175 4.37 -16.60 -16.99
CA GLY B 175 4.90 -17.04 -18.27
C GLY B 175 4.42 -16.21 -19.45
N ALA B 176 4.98 -16.48 -20.63
CA ALA B 176 4.64 -15.75 -21.85
C ALA B 176 3.21 -15.90 -22.33
N ASN B 177 2.59 -17.07 -22.10
CA ASN B 177 1.25 -17.21 -22.64
C ASN B 177 0.15 -16.84 -21.64
N SER B 178 -0.74 -15.95 -22.11
CA SER B 178 -1.85 -15.36 -21.39
C SER B 178 -2.90 -16.36 -20.93
N GLN B 179 -2.94 -17.54 -21.55
CA GLN B 179 -3.96 -18.51 -21.19
C GLN B 179 -3.51 -19.66 -20.31
N ASN B 180 -2.29 -19.63 -19.78
CA ASN B 180 -1.94 -20.74 -18.91
C ASN B 180 -1.23 -20.23 -17.71
N SER B 181 -1.37 -20.95 -16.58
CA SER B 181 -0.80 -20.52 -15.32
C SER B 181 -1.54 -19.26 -14.91
N LYS B 182 -2.84 -19.28 -15.09
CA LYS B 182 -3.66 -18.10 -14.74
C LYS B 182 -3.91 -18.06 -13.25
N TYR B 183 -4.10 -16.84 -12.71
CA TYR B 183 -4.37 -16.75 -11.28
C TYR B 183 -5.17 -15.53 -10.95
N TRP B 184 -5.84 -15.58 -9.79
CA TRP B 184 -6.52 -14.43 -9.22
C TRP B 184 -5.53 -13.81 -8.26
N LEU B 185 -5.48 -12.49 -8.20
CA LEU B 185 -4.58 -11.76 -7.30
C LEU B 185 -5.44 -11.49 -6.06
N VAL B 186 -5.11 -12.11 -4.94
CA VAL B 186 -5.95 -12.00 -3.73
C VAL B 186 -5.28 -11.39 -2.53
N LYS B 187 -5.86 -10.28 -2.04
CA LYS B 187 -5.36 -9.66 -0.81
C LYS B 187 -5.95 -10.41 0.42
N ASN B 188 -5.07 -10.86 1.33
CA ASN B 188 -5.52 -11.56 2.53
C ASN B 188 -5.47 -10.54 3.67
N SER B 189 -5.91 -10.95 4.87
CA SER B 189 -5.90 -10.01 6.01
C SER B 189 -5.16 -10.71 7.18
N TRP B 190 -4.06 -11.40 6.88
CA TRP B 190 -3.26 -12.08 7.88
C TRP B 190 -1.89 -11.40 8.05
N GLY B 191 -1.79 -10.12 7.70
CA GLY B 191 -0.51 -9.45 7.83
C GLY B 191 0.35 -9.65 6.59
N PRO B 192 1.38 -8.80 6.40
CA PRO B 192 2.32 -8.84 5.27
C PRO B 192 3.34 -9.99 5.32
N GLU B 193 3.48 -10.70 6.47
CA GLU B 193 4.46 -11.77 6.49
C GLU B 193 3.87 -13.05 5.90
N TRP B 194 2.56 -13.23 6.13
CA TRP B 194 1.91 -14.41 5.56
C TRP B 194 1.97 -14.31 4.04
N GLY B 195 2.24 -15.42 3.32
CA GLY B 195 2.20 -15.30 1.86
C GLY B 195 3.32 -14.44 1.29
N SER B 196 4.38 -14.23 2.08
CA SER B 196 5.55 -13.35 1.70
C SER B 196 5.22 -11.83 1.62
N ASN B 197 4.07 -11.49 1.12
CA ASN B 197 3.69 -10.07 1.08
C ASN B 197 2.22 -9.85 1.43
N GLY B 198 1.56 -10.91 2.01
CA GLY B 198 0.15 -10.75 2.41
C GLY B 198 -0.87 -11.05 1.33
N TYR B 199 -0.38 -11.36 0.13
CA TYR B 199 -1.23 -11.68 -1.06
C TYR B 199 -1.03 -13.10 -1.45
N VAL B 200 -2.00 -13.66 -2.19
CA VAL B 200 -1.85 -15.06 -2.67
C VAL B 200 -2.39 -15.08 -4.10
N LYS B 201 -1.72 -15.87 -4.95
CA LYS B 201 -2.13 -16.04 -6.34
C LYS B 201 -2.96 -17.36 -6.33
N ILE B 202 -4.27 -17.27 -6.46
CA ILE B 202 -5.06 -18.50 -6.45
C ILE B 202 -5.30 -18.96 -7.87
N ALA B 203 -5.14 -20.27 -8.13
CA ALA B 203 -5.38 -20.76 -9.49
C ALA B 203 -6.70 -20.28 -10.05
N LYS B 204 -6.63 -19.78 -11.33
CA LYS B 204 -7.79 -19.19 -11.99
C LYS B 204 -8.23 -20.06 -13.13
N ASP B 205 -9.56 -20.12 -13.35
CA ASP B 205 -10.15 -20.93 -14.42
C ASP B 205 -9.78 -22.39 -14.26
N LYS B 206 -9.73 -22.84 -12.99
CA LYS B 206 -9.44 -24.25 -12.68
C LYS B 206 -10.65 -24.76 -11.90
N ASN B 207 -11.82 -24.59 -12.49
N ASN B 207 -11.82 -24.57 -12.49
CA ASN B 207 -13.08 -25.03 -11.90
CA ASN B 207 -13.11 -24.96 -11.92
C ASN B 207 -13.44 -24.32 -10.60
C ASN B 207 -13.49 -24.29 -10.62
N ASN B 208 -13.30 -22.97 -10.56
CA ASN B 208 -13.70 -22.19 -9.39
C ASN B 208 -12.97 -22.70 -8.16
N HIS B 209 -11.64 -22.78 -8.27
CA HIS B 209 -10.81 -23.29 -7.21
C HIS B 209 -10.98 -22.53 -5.89
N CYS B 210 -11.18 -23.32 -4.82
CA CYS B 210 -11.40 -22.82 -3.48
C CYS B 210 -12.63 -21.88 -3.37
N GLY B 211 -13.49 -21.88 -4.40
CA GLY B 211 -14.73 -21.13 -4.34
C GLY B 211 -14.64 -19.62 -4.55
N ILE B 212 -13.54 -19.12 -5.14
CA ILE B 212 -13.39 -17.68 -5.25
C ILE B 212 -14.55 -16.99 -5.97
N ALA B 213 -15.20 -17.69 -6.95
CA ALA B 213 -16.31 -17.09 -7.70
C ALA B 213 -17.70 -17.53 -7.16
N THR B 214 -17.73 -18.28 -6.06
CA THR B 214 -19.05 -18.73 -5.53
C THR B 214 -19.92 -17.63 -4.91
N ALA B 215 -19.28 -16.69 -4.18
CA ALA B 215 -20.08 -15.70 -3.45
C ALA B 215 -19.37 -14.37 -3.42
N ALA B 216 -19.18 -13.83 -4.62
CA ALA B 216 -18.47 -12.59 -4.82
C ALA B 216 -19.45 -11.39 -4.90
N SER B 217 -19.05 -10.24 -4.29
CA SER B 217 -19.91 -9.05 -4.27
C SER B 217 -19.10 -7.76 -4.10
N TYR B 218 -19.75 -6.63 -4.33
CA TYR B 218 -19.08 -5.35 -4.09
C TYR B 218 -20.11 -4.34 -3.74
N PRO B 219 -19.80 -3.37 -2.88
CA PRO B 219 -20.73 -2.31 -2.49
C PRO B 219 -21.08 -1.35 -3.62
N ASN B 220 -22.31 -0.77 -3.58
CA ASN B 220 -22.77 0.23 -4.54
C ASN B 220 -22.56 1.57 -3.93
N VAL B 221 -21.71 2.36 -4.52
CA VAL B 221 -21.47 3.68 -3.92
C VAL B 221 -21.98 4.76 -4.87
N GLU C 2 33.74 8.72 6.50
CA GLU C 2 32.57 9.12 5.74
C GLU C 2 32.93 9.30 4.26
N VAL C 3 31.92 9.32 3.41
CA VAL C 3 32.08 9.47 1.97
C VAL C 3 30.85 10.22 1.46
N CYS C 4 30.99 10.93 0.35
CA CYS C 4 29.91 11.72 -0.21
C CYS C 4 29.08 10.95 -1.24
N LYS C 5 28.56 9.77 -0.85
CA LYS C 5 27.79 8.97 -1.80
C LYS C 5 26.49 9.64 -2.32
N LYS C 6 26.28 9.56 -3.63
CA LYS C 6 25.04 10.06 -4.23
C LYS C 6 23.97 9.02 -3.91
N LYS C 7 22.70 9.44 -3.82
CA LYS C 7 21.68 8.46 -3.48
C LYS C 7 21.08 7.81 -4.72
N LYS C 8 21.81 6.86 -5.29
CA LYS C 8 21.31 6.17 -6.47
C LYS C 8 20.14 5.24 -6.18
N CYS D 4 -24.35 -19.14 3.87
CA CYS D 4 -23.66 -20.35 4.26
C CYS D 4 -22.99 -20.15 5.65
N LYS D 5 -21.83 -20.80 5.91
CA LYS D 5 -21.13 -20.66 7.19
C LYS D 5 -20.45 -19.31 7.30
N LYS D 6 -20.16 -18.88 8.54
CA LYS D 6 -19.58 -17.55 8.71
C LYS D 6 -18.19 -17.44 8.17
N LYS D 7 -17.84 -16.26 7.61
CA LYS D 7 -16.49 -16.17 7.05
C LYS D 7 -15.54 -15.58 8.07
N LYS D 8 -15.03 -16.45 8.94
CA LYS D 8 -14.06 -16.01 9.96
C LYS D 8 -12.76 -15.57 9.33
#